data_4AZ6
#
_entry.id   4AZ6
#
_cell.length_a   78.300
_cell.length_b   109.600
_cell.length_c   112.600
_cell.angle_alpha   90.00
_cell.angle_beta   90.00
_cell.angle_gamma   90.00
#
_symmetry.space_group_name_H-M   'I 2 2 2'
#
loop_
_entity.id
_entity.type
_entity.pdbx_description
1 polymer BETA-N-ACETYLHEXOSAMINIDASE
2 non-polymer 'O-(2-ACETAMIDO-2-DEOXY D-GLUCOPYRANOSYLIDENE) AMINO-N-PHENYLCARBAMATE'
3 non-polymer 1,2-ETHANEDIOL
4 non-polymer 2,5,8,11,14,17-HEXAOXANONADECAN-19-OL
5 water water
#
_entity_poly.entity_id   1
_entity_poly.type   'polypeptide(L)'
_entity_poly.pdbx_seq_one_letter_code
;SHNEKLAKKKIVSIDAGRKYFSPEQLKEIIDKAKHYGYTDLHLLVGNDGLRFMLDDMSITANGKTYASDDVKRAIEKGTN
DYYNDPNGNHLTESQMTDLINYAKDKGIGLIPTVNSPGHMDAILNAMKELGIQNPNFSYFGKKSARTVDLDNEQAVAFTK
ALIDKYAAYFAKKTEIFNIGLDEYANDATDAKGWSVLQADKYYPNEGYPVKGYEKFIAYANDLARIVKSHGLKPMAFNDG
IYYNSDTSFGSFDKDIIVSMWTGGWGGYDVASSKLLAEKGHQILNTNDAWYYVLGRNADGQGWYNLDQGLNGIKNTPITS
VPKTEGADIPIIGGMVAAWADTPSARYSPSRLFKLMRHFANANAEYFAADYESAEQALNEVPKDLNRYTAESVTAVKEAE
KAIRSLDSNLSRAQQDTIDQAIAKLQETVNNLTLT
;
_entity_poly.pdbx_strand_id   A
#
loop_
_chem_comp.id
_chem_comp.type
_chem_comp.name
_chem_comp.formula
EDO non-polymer 1,2-ETHANEDIOL 'C2 H6 O2'
OAN non-polymer 'O-(2-ACETAMIDO-2-DEOXY D-GLUCOPYRANOSYLIDENE) AMINO-N-PHENYLCARBAMATE' 'C15 H19 N3 O7'
P15 non-polymer 2,5,8,11,14,17-HEXAOXANONADECAN-19-OL 'C13 H28 O7'
#
# COMPACT_ATOMS: atom_id res chain seq x y z
N SER A 1 22.80 1.24 -12.96
CA SER A 1 21.89 0.10 -12.68
C SER A 1 20.44 0.42 -12.96
N HIS A 2 20.14 0.92 -14.15
CA HIS A 2 18.75 1.20 -14.57
C HIS A 2 17.85 0.00 -14.37
N ASN A 3 18.32 -1.20 -14.72
N ASN A 3 18.35 -1.20 -14.73
CA ASN A 3 17.50 -2.38 -14.55
CA ASN A 3 17.59 -2.45 -14.55
C ASN A 3 17.17 -2.70 -13.09
C ASN A 3 17.20 -2.71 -13.10
N GLU A 4 18.12 -2.50 -12.17
CA GLU A 4 17.83 -2.67 -10.74
C GLU A 4 16.84 -1.64 -10.23
N LYS A 5 16.90 -0.43 -10.76
CA LYS A 5 15.97 0.61 -10.32
C LYS A 5 14.55 0.28 -10.82
N LEU A 6 14.41 -0.03 -12.10
CA LEU A 6 13.09 -0.31 -12.67
C LEU A 6 12.44 -1.57 -12.09
N ALA A 7 13.26 -2.50 -11.60
CA ALA A 7 12.76 -3.73 -11.01
C ALA A 7 12.15 -3.51 -9.63
N LYS A 8 12.40 -2.37 -9.01
CA LYS A 8 11.82 -2.08 -7.70
C LYS A 8 10.31 -1.92 -7.80
N LYS A 9 9.63 -2.15 -6.69
N LYS A 9 9.63 -2.15 -6.69
CA LYS A 9 8.22 -1.80 -6.59
CA LYS A 9 8.22 -1.80 -6.59
C LYS A 9 8.07 -0.31 -6.40
C LYS A 9 8.07 -0.30 -6.41
N LYS A 10 7.07 0.28 -7.07
CA LYS A 10 6.70 1.70 -6.84
C LYS A 10 5.19 1.67 -6.57
N ILE A 11 4.82 2.10 -5.38
CA ILE A 11 3.53 1.83 -4.83
C ILE A 11 2.87 3.10 -4.38
N VAL A 12 1.57 3.21 -4.64
CA VAL A 12 0.73 4.24 -4.07
C VAL A 12 -0.18 3.57 -3.05
N SER A 13 -0.22 4.12 -1.84
CA SER A 13 -1.08 3.63 -0.77
C SER A 13 -2.27 4.53 -0.55
N ILE A 14 -3.45 3.92 -0.43
CA ILE A 14 -4.70 4.63 -0.22
C ILE A 14 -5.42 4.08 1.01
N ASP A 15 -5.74 4.97 1.95
CA ASP A 15 -6.49 4.61 3.15
C ASP A 15 -7.99 4.51 2.88
N ALA A 16 -8.41 3.34 2.39
CA ALA A 16 -9.82 3.02 2.20
C ALA A 16 -10.34 2.19 3.37
N GLY A 17 -9.68 2.34 4.52
CA GLY A 17 -10.21 1.82 5.79
C GLY A 17 -11.00 2.89 6.52
N ARG A 18 -10.38 4.05 6.70
CA ARG A 18 -11.08 5.12 7.39
C ARG A 18 -12.23 5.67 6.55
N LYS A 19 -12.02 5.71 5.25
CA LYS A 19 -12.89 6.43 4.30
C LYS A 19 -13.26 5.51 3.16
N TYR A 20 -14.49 5.65 2.68
CA TYR A 20 -14.94 4.88 1.54
C TYR A 20 -14.39 5.45 0.22
N PHE A 21 -13.88 4.55 -0.62
CA PHE A 21 -13.54 4.82 -2.01
C PHE A 21 -14.36 3.88 -2.88
N SER A 22 -14.97 4.41 -3.94
CA SER A 22 -15.74 3.56 -4.83
C SER A 22 -14.87 2.80 -5.80
N PRO A 23 -15.41 1.72 -6.39
CA PRO A 23 -14.65 1.05 -7.43
C PRO A 23 -14.22 1.98 -8.55
N GLU A 24 -15.08 2.88 -8.97
CA GLU A 24 -14.74 3.84 -10.02
C GLU A 24 -13.56 4.73 -9.60
N GLN A 25 -13.56 5.22 -8.37
CA GLN A 25 -12.46 6.05 -7.88
C GLN A 25 -11.17 5.27 -7.84
N LEU A 26 -11.24 4.01 -7.42
CA LEU A 26 -10.06 3.19 -7.30
C LEU A 26 -9.51 2.82 -8.69
N LYS A 27 -10.40 2.58 -9.66
CA LYS A 27 -9.97 2.35 -11.03
C LYS A 27 -9.24 3.56 -11.61
N GLU A 28 -9.71 4.76 -11.30
N GLU A 28 -9.71 4.76 -11.32
CA GLU A 28 -9.05 5.97 -11.75
CA GLU A 28 -9.05 5.99 -11.77
C GLU A 28 -7.64 6.07 -11.15
C GLU A 28 -7.64 6.06 -11.16
N ILE A 29 -7.48 5.71 -9.89
CA ILE A 29 -6.18 5.72 -9.23
C ILE A 29 -5.27 4.69 -9.89
N ILE A 30 -5.79 3.50 -10.17
CA ILE A 30 -5.03 2.47 -10.88
C ILE A 30 -4.58 2.97 -12.25
N ASP A 31 -5.47 3.65 -12.96
CA ASP A 31 -5.12 4.17 -14.28
C ASP A 31 -3.96 5.16 -14.19
N LYS A 32 -4.00 6.05 -13.20
CA LYS A 32 -2.95 7.02 -13.01
C LYS A 32 -1.65 6.33 -12.57
N ALA A 33 -1.77 5.34 -11.69
CA ALA A 33 -0.60 4.58 -11.26
C ALA A 33 0.11 3.98 -12.45
N LYS A 34 -0.66 3.33 -13.32
CA LYS A 34 -0.08 2.74 -14.52
C LYS A 34 0.59 3.81 -15.40
N HIS A 35 -0.13 4.89 -15.65
CA HIS A 35 0.40 5.97 -16.48
C HIS A 35 1.72 6.53 -15.96
N TYR A 36 1.83 6.74 -14.65
CA TYR A 36 3.01 7.33 -14.05
C TYR A 36 4.14 6.32 -13.81
N GLY A 37 3.92 5.05 -14.07
CA GLY A 37 4.97 4.05 -14.00
C GLY A 37 5.11 3.29 -12.70
N TYR A 38 4.03 3.30 -11.90
CA TYR A 38 3.97 2.52 -10.68
C TYR A 38 3.78 1.05 -10.99
N THR A 39 3.96 0.20 -9.97
CA THR A 39 3.73 -1.24 -10.08
C THR A 39 2.55 -1.77 -9.24
N ASP A 40 2.15 -1.06 -8.19
CA ASP A 40 1.19 -1.57 -7.23
C ASP A 40 0.36 -0.48 -6.60
N LEU A 41 -0.86 -0.86 -6.26
CA LEU A 41 -1.76 -0.15 -5.37
C LEU A 41 -1.80 -0.86 -4.03
N HIS A 42 -1.48 -0.14 -2.96
CA HIS A 42 -1.57 -0.64 -1.61
C HIS A 42 -2.85 -0.09 -1.04
N LEU A 43 -3.86 -0.95 -0.89
CA LEU A 43 -5.19 -0.51 -0.51
C LEU A 43 -5.49 -0.97 0.92
N LEU A 44 -5.47 -0.03 1.85
CA LEU A 44 -5.92 -0.38 3.20
C LEU A 44 -7.44 -0.49 3.16
N VAL A 45 -7.93 -1.63 3.61
CA VAL A 45 -9.39 -1.82 3.75
C VAL A 45 -9.80 -1.99 5.21
N GLY A 46 -8.89 -2.43 6.07
CA GLY A 46 -9.06 -2.40 7.51
C GLY A 46 -8.03 -1.46 8.09
N ASN A 47 -8.46 -0.31 8.54
CA ASN A 47 -7.59 0.71 9.12
C ASN A 47 -8.54 1.68 9.81
N ASP A 48 -8.77 1.40 11.09
CA ASP A 48 -9.81 2.00 11.94
C ASP A 48 -11.18 1.48 11.46
N GLY A 49 -11.66 1.97 10.32
CA GLY A 49 -12.81 1.36 9.70
C GLY A 49 -12.44 0.07 9.01
N LEU A 50 -13.43 -0.76 8.70
CA LEU A 50 -13.28 -1.98 7.92
C LEU A 50 -14.27 -1.94 6.78
N ARG A 51 -13.77 -1.87 5.56
CA ARG A 51 -14.58 -1.50 4.40
C ARG A 51 -14.43 -2.49 3.23
N PHE A 52 -14.39 -3.77 3.56
CA PHE A 52 -14.37 -4.84 2.55
C PHE A 52 -15.06 -6.04 3.15
N MET A 53 -16.14 -6.47 2.47
CA MET A 53 -16.96 -7.60 2.94
C MET A 53 -16.90 -8.75 1.97
N LEU A 54 -16.45 -9.92 2.44
CA LEU A 54 -16.53 -11.14 1.65
C LEU A 54 -17.97 -11.63 1.55
N ASP A 55 -18.25 -12.47 0.55
CA ASP A 55 -19.58 -13.06 0.40
C ASP A 55 -19.92 -13.96 1.59
N ASP A 56 -18.95 -14.74 2.06
CA ASP A 56 -19.06 -15.55 3.27
C ASP A 56 -18.14 -14.95 4.32
N MET A 57 -18.75 -14.33 5.34
CA MET A 57 -18.04 -13.75 6.47
C MET A 57 -18.20 -14.57 7.73
N SER A 58 -18.65 -15.81 7.62
CA SER A 58 -18.74 -16.65 8.81
C SER A 58 -17.36 -16.88 9.42
N ILE A 59 -17.28 -16.85 10.74
CA ILE A 59 -15.99 -16.93 11.45
C ILE A 59 -16.05 -18.01 12.49
N THR A 60 -15.13 -18.98 12.40
CA THR A 60 -15.09 -20.04 13.38
C THR A 60 -13.98 -19.72 14.38
N ALA A 61 -14.36 -19.48 15.62
CA ALA A 61 -13.43 -19.16 16.70
C ALA A 61 -14.18 -19.36 17.99
N ASN A 62 -13.47 -19.49 19.08
CA ASN A 62 -14.08 -19.53 20.40
C ASN A 62 -15.08 -20.66 20.56
N GLY A 63 -14.81 -21.79 19.91
CA GLY A 63 -15.65 -22.99 20.04
C GLY A 63 -17.00 -22.90 19.35
N LYS A 64 -17.15 -21.98 18.41
N LYS A 64 -17.15 -21.98 18.41
CA LYS A 64 -18.42 -21.76 17.72
CA LYS A 64 -18.41 -21.78 17.72
C LYS A 64 -18.15 -21.18 16.36
C LYS A 64 -18.15 -21.18 16.36
N THR A 65 -19.21 -20.97 15.60
CA THR A 65 -19.15 -20.20 14.38
C THR A 65 -20.07 -19.00 14.56
N TYR A 66 -19.56 -17.83 14.24
CA TYR A 66 -20.34 -16.61 14.16
C TYR A 66 -20.88 -16.53 12.74
N ALA A 67 -22.20 -16.42 12.61
CA ALA A 67 -22.87 -16.51 11.33
C ALA A 67 -22.46 -15.37 10.41
N SER A 68 -22.32 -15.65 9.10
CA SER A 68 -21.92 -14.67 8.12
C SER A 68 -22.76 -13.41 8.20
N ASP A 69 -24.09 -13.55 8.22
CA ASP A 69 -24.94 -12.36 8.20
C ASP A 69 -24.78 -11.54 9.49
N ASP A 70 -24.53 -12.20 10.62
CA ASP A 70 -24.25 -11.48 11.86
C ASP A 70 -22.90 -10.76 11.85
N VAL A 71 -21.87 -11.43 11.32
CA VAL A 71 -20.56 -10.80 11.19
C VAL A 71 -20.64 -9.60 10.25
N LYS A 72 -21.38 -9.72 9.15
CA LYS A 72 -21.57 -8.59 8.24
C LYS A 72 -22.30 -7.44 8.94
N ARG A 73 -23.39 -7.72 9.66
N ARG A 73 -23.38 -7.73 9.66
CA ARG A 73 -24.09 -6.67 10.40
CA ARG A 73 -24.09 -6.68 10.39
C ARG A 73 -23.15 -6.01 11.42
C ARG A 73 -23.16 -6.01 11.41
N ALA A 74 -22.38 -6.84 12.11
CA ALA A 74 -21.49 -6.36 13.13
C ALA A 74 -20.40 -5.43 12.56
N ILE A 75 -19.82 -5.80 11.44
CA ILE A 75 -18.78 -5.00 10.80
C ILE A 75 -19.36 -3.74 10.20
N GLU A 76 -20.49 -3.82 9.48
N GLU A 76 -20.49 -3.84 9.49
CA GLU A 76 -21.07 -2.61 8.90
CA GLU A 76 -21.05 -2.64 8.88
C GLU A 76 -21.36 -1.59 9.99
C GLU A 76 -21.37 -1.60 9.97
N LYS A 77 -21.98 -2.06 11.07
CA LYS A 77 -22.31 -1.22 12.18
C LYS A 77 -21.08 -0.67 12.85
N GLY A 78 -20.10 -1.54 13.08
CA GLY A 78 -18.87 -1.15 13.77
C GLY A 78 -18.09 -0.11 12.99
N THR A 79 -18.07 -0.25 11.67
CA THR A 79 -17.44 0.74 10.80
C THR A 79 -18.21 2.05 10.86
N ASN A 80 -19.53 1.99 10.83
CA ASN A 80 -20.32 3.22 10.93
C ASN A 80 -20.12 3.95 12.26
N ASP A 81 -19.92 3.21 13.34
N ASP A 81 -19.93 3.19 13.34
CA ASP A 81 -19.63 3.83 14.61
CA ASP A 81 -19.64 3.77 14.63
C ASP A 81 -18.31 4.57 14.59
C ASP A 81 -18.29 4.50 14.67
N TYR A 82 -17.36 4.07 13.82
CA TYR A 82 -16.10 4.81 13.61
C TYR A 82 -16.38 6.04 12.75
N TYR A 83 -16.95 5.85 11.58
CA TYR A 83 -17.32 6.93 10.67
C TYR A 83 -18.36 6.43 9.68
N ASN A 84 -19.56 7.02 9.74
CA ASN A 84 -20.63 6.66 8.83
C ASN A 84 -20.51 7.53 7.58
N ASP A 85 -19.81 6.99 6.60
CA ASP A 85 -19.44 7.74 5.40
C ASP A 85 -20.66 7.84 4.47
N PRO A 86 -21.10 9.06 4.14
CA PRO A 86 -22.26 9.16 3.23
C PRO A 86 -22.01 8.59 1.84
N ASN A 87 -20.76 8.45 1.45
CA ASN A 87 -20.44 7.92 0.13
C ASN A 87 -20.56 6.41 -0.01
N GLY A 88 -20.53 5.69 1.11
CA GLY A 88 -20.55 4.25 1.08
C GLY A 88 -19.99 3.63 2.34
N ASN A 89 -20.23 2.33 2.54
CA ASN A 89 -19.73 1.64 3.73
C ASN A 89 -18.59 0.69 3.40
N HIS A 90 -18.76 -0.18 2.41
CA HIS A 90 -17.72 -1.17 2.09
C HIS A 90 -17.75 -1.57 0.64
N LEU A 91 -16.61 -2.07 0.16
CA LEU A 91 -16.52 -2.81 -1.10
C LEU A 91 -16.99 -4.24 -0.90
N THR A 92 -17.67 -4.78 -1.92
CA THR A 92 -18.08 -6.18 -1.91
C THR A 92 -17.02 -7.08 -2.50
N GLU A 93 -17.19 -8.38 -2.36
CA GLU A 93 -16.25 -9.32 -2.93
C GLU A 93 -16.23 -9.22 -4.45
N SER A 94 -17.40 -9.15 -5.09
CA SER A 94 -17.43 -9.00 -6.53
C SER A 94 -16.68 -7.77 -6.97
N GLN A 95 -16.85 -6.66 -6.24
CA GLN A 95 -16.18 -5.42 -6.62
C GLN A 95 -14.65 -5.56 -6.46
N MET A 96 -14.20 -6.20 -5.39
CA MET A 96 -12.76 -6.39 -5.16
C MET A 96 -12.15 -7.32 -6.20
N THR A 97 -12.85 -8.39 -6.54
CA THR A 97 -12.33 -9.31 -7.53
C THR A 97 -12.17 -8.60 -8.87
N ASP A 98 -13.20 -7.84 -9.24
CA ASP A 98 -13.14 -7.05 -10.47
C ASP A 98 -12.01 -6.01 -10.42
N LEU A 99 -11.84 -5.34 -9.29
N LEU A 99 -11.84 -5.34 -9.29
CA LEU A 99 -10.79 -4.33 -9.16
CA LEU A 99 -10.79 -4.32 -9.11
C LEU A 99 -9.40 -4.96 -9.31
C LEU A 99 -9.41 -4.94 -9.29
N ILE A 100 -9.19 -6.11 -8.67
CA ILE A 100 -7.88 -6.80 -8.75
C ILE A 100 -7.60 -7.21 -10.19
N ASN A 101 -8.62 -7.73 -10.86
N ASN A 101 -8.62 -7.73 -10.86
CA ASN A 101 -8.51 -8.13 -12.25
CA ASN A 101 -8.46 -8.14 -12.24
C ASN A 101 -8.22 -6.95 -13.18
C ASN A 101 -8.21 -6.94 -13.17
N TYR A 102 -8.91 -5.84 -12.94
CA TYR A 102 -8.72 -4.60 -13.70
C TYR A 102 -7.26 -4.15 -13.57
N ALA A 103 -6.77 -4.15 -12.34
CA ALA A 103 -5.40 -3.78 -12.06
C ALA A 103 -4.42 -4.74 -12.70
N LYS A 104 -4.66 -6.04 -12.59
CA LYS A 104 -3.79 -7.05 -13.18
C LYS A 104 -3.64 -6.87 -14.69
N ASP A 105 -4.74 -6.57 -15.36
N ASP A 105 -4.75 -6.56 -15.35
CA ASP A 105 -4.71 -6.44 -16.82
CA ASP A 105 -4.76 -6.37 -16.82
C ASP A 105 -3.87 -5.24 -17.24
C ASP A 105 -3.86 -5.23 -17.22
N LYS A 106 -3.68 -4.30 -16.32
N LYS A 106 -3.69 -4.28 -16.30
CA LYS A 106 -2.80 -3.16 -16.57
CA LYS A 106 -2.81 -3.14 -16.54
C LYS A 106 -1.40 -3.31 -15.98
C LYS A 106 -1.40 -3.30 -15.97
N GLY A 107 -1.08 -4.48 -15.45
CA GLY A 107 0.25 -4.70 -14.87
C GLY A 107 0.44 -4.04 -13.52
N ILE A 108 -0.65 -3.87 -12.77
CA ILE A 108 -0.63 -3.28 -11.44
C ILE A 108 -1.10 -4.32 -10.42
N GLY A 109 -0.29 -4.58 -9.41
CA GLY A 109 -0.71 -5.46 -8.32
C GLY A 109 -1.52 -4.71 -7.28
N LEU A 110 -2.18 -5.48 -6.42
CA LEU A 110 -2.91 -4.89 -5.30
C LEU A 110 -2.43 -5.56 -4.02
N ILE A 111 -2.09 -4.74 -3.04
CA ILE A 111 -1.63 -5.19 -1.73
C ILE A 111 -2.63 -4.69 -0.70
N PRO A 112 -3.40 -5.58 -0.06
CA PRO A 112 -4.39 -5.15 0.95
C PRO A 112 -3.74 -5.01 2.32
N THR A 113 -4.33 -4.15 3.15
CA THR A 113 -4.05 -4.12 4.57
C THR A 113 -5.33 -4.36 5.33
N VAL A 114 -5.29 -5.26 6.33
CA VAL A 114 -6.34 -5.37 7.35
C VAL A 114 -5.60 -5.26 8.68
N ASN A 115 -5.69 -4.07 9.27
CA ASN A 115 -4.82 -3.72 10.40
C ASN A 115 -5.28 -4.34 11.70
N SER A 116 -4.29 -4.75 12.49
CA SER A 116 -4.46 -5.18 13.89
C SER A 116 -3.00 -5.21 14.43
N PRO A 117 -2.82 -5.28 15.77
CA PRO A 117 -3.79 -5.18 16.85
C PRO A 117 -4.22 -3.76 17.17
N GLY A 118 -3.61 -2.76 16.52
CA GLY A 118 -4.06 -1.39 16.57
C GLY A 118 -4.92 -1.05 15.35
N HIS A 119 -5.37 0.20 15.28
CA HIS A 119 -6.16 0.66 14.15
C HIS A 119 -7.23 -0.32 13.73
N MET A 120 -7.97 -0.82 14.71
CA MET A 120 -8.98 -1.85 14.46
C MET A 120 -10.29 -1.54 15.16
N ASP A 121 -10.63 -0.26 15.21
CA ASP A 121 -11.87 0.22 15.84
C ASP A 121 -13.10 -0.59 15.42
N ALA A 122 -13.28 -0.76 14.12
CA ALA A 122 -14.47 -1.40 13.60
C ALA A 122 -14.52 -2.86 13.96
N ILE A 123 -13.38 -3.55 13.94
CA ILE A 123 -13.36 -4.96 14.35
C ILE A 123 -13.66 -5.09 15.83
N LEU A 124 -13.12 -4.20 16.65
CA LEU A 124 -13.45 -4.21 18.10
C LEU A 124 -14.96 -4.01 18.29
N ASN A 125 -15.51 -3.02 17.61
CA ASN A 125 -16.95 -2.79 17.68
C ASN A 125 -17.72 -4.03 17.24
N ALA A 126 -17.30 -4.63 16.14
CA ALA A 126 -17.97 -5.81 15.59
C ALA A 126 -17.95 -6.95 16.60
N MET A 127 -16.79 -7.17 17.23
CA MET A 127 -16.71 -8.22 18.25
C MET A 127 -17.69 -7.98 19.39
N LYS A 128 -17.83 -6.72 19.82
CA LYS A 128 -18.80 -6.41 20.87
C LYS A 128 -20.23 -6.66 20.40
N GLU A 129 -20.54 -6.35 19.14
CA GLU A 129 -21.86 -6.61 18.59
C GLU A 129 -22.16 -8.11 18.50
N LEU A 130 -21.13 -8.93 18.34
CA LEU A 130 -21.31 -10.38 18.30
C LEU A 130 -21.48 -10.91 19.71
N GLY A 131 -21.05 -10.14 20.72
CA GLY A 131 -21.16 -10.50 22.13
C GLY A 131 -19.86 -10.84 22.83
N ILE A 132 -18.74 -10.72 22.15
CA ILE A 132 -17.45 -10.96 22.78
C ILE A 132 -17.23 -9.86 23.81
N GLN A 133 -16.75 -10.25 24.98
CA GLN A 133 -16.61 -9.32 26.08
C GLN A 133 -15.27 -8.60 26.13
N ASN A 134 -15.29 -7.32 26.45
CA ASN A 134 -14.10 -6.55 26.79
C ASN A 134 -12.93 -6.75 25.84
N PRO A 135 -13.15 -6.60 24.52
CA PRO A 135 -12.01 -6.84 23.60
C PRO A 135 -10.93 -5.75 23.66
N ASN A 136 -11.29 -4.54 24.06
CA ASN A 136 -10.38 -3.38 23.97
C ASN A 136 -9.29 -3.42 25.02
N PHE A 137 -8.10 -2.99 24.63
CA PHE A 137 -7.03 -2.72 25.58
C PHE A 137 -7.34 -1.46 26.39
N SER A 138 -6.99 -1.48 27.68
CA SER A 138 -7.10 -0.30 28.52
C SER A 138 -5.79 -0.07 29.26
N TYR A 139 -5.50 1.21 29.49
CA TYR A 139 -4.28 1.64 30.17
C TYR A 139 -4.64 2.53 31.34
N PHE A 140 -4.49 1.99 32.54
CA PHE A 140 -4.87 2.68 33.79
C PHE A 140 -6.20 3.41 33.68
N GLY A 141 -7.20 2.68 33.21
CA GLY A 141 -8.57 3.18 33.14
C GLY A 141 -8.94 3.91 31.86
N LYS A 142 -7.99 4.09 30.96
CA LYS A 142 -8.27 4.71 29.69
C LYS A 142 -8.38 3.62 28.64
N LYS A 143 -9.56 3.48 28.05
CA LYS A 143 -9.83 2.40 27.11
C LYS A 143 -9.46 2.86 25.71
N SER A 144 -8.68 2.06 25.00
CA SER A 144 -8.42 2.33 23.58
C SER A 144 -9.61 2.01 22.72
N ALA A 145 -9.98 2.92 21.83
CA ALA A 145 -11.02 2.66 20.84
C ALA A 145 -10.46 1.85 19.66
N ARG A 146 -9.14 1.72 19.58
CA ARG A 146 -8.46 1.26 18.37
C ARG A 146 -7.77 -0.10 18.50
N THR A 147 -7.51 -0.54 19.73
CA THR A 147 -6.55 -1.62 19.97
C THR A 147 -7.12 -2.74 20.81
N VAL A 148 -6.88 -3.96 20.35
CA VAL A 148 -7.29 -5.18 21.08
C VAL A 148 -6.33 -5.50 22.23
N ASP A 149 -6.90 -6.07 23.29
CA ASP A 149 -6.16 -6.55 24.45
C ASP A 149 -5.65 -7.93 24.16
N LEU A 150 -4.31 -8.09 24.11
CA LEU A 150 -3.72 -9.37 23.77
C LEU A 150 -3.89 -10.43 24.85
N ASP A 151 -4.36 -10.04 26.03
CA ASP A 151 -4.70 -10.98 27.09
C ASP A 151 -6.09 -11.56 26.91
N ASN A 152 -6.86 -11.02 25.98
CA ASN A 152 -8.24 -11.45 25.78
C ASN A 152 -8.24 -12.53 24.71
N GLU A 153 -8.26 -13.79 25.12
N GLU A 153 -8.26 -13.79 25.13
CA GLU A 153 -8.08 -14.90 24.19
CA GLU A 153 -8.08 -14.91 24.20
C GLU A 153 -9.20 -14.99 23.16
C GLU A 153 -9.20 -14.98 23.16
N GLN A 154 -10.42 -14.65 23.56
CA GLN A 154 -11.57 -14.73 22.66
C GLN A 154 -11.49 -13.65 21.59
N ALA A 155 -11.09 -12.44 21.99
CA ALA A 155 -10.93 -11.35 21.04
C ALA A 155 -9.78 -11.61 20.05
N VAL A 156 -8.66 -12.11 20.58
CA VAL A 156 -7.52 -12.45 19.76
C VAL A 156 -7.85 -13.57 18.77
N ALA A 157 -8.54 -14.61 19.24
CA ALA A 157 -8.88 -15.74 18.36
C ALA A 157 -9.80 -15.30 17.22
N PHE A 158 -10.79 -14.48 17.55
CA PHE A 158 -11.67 -13.96 16.53
C PHE A 158 -10.90 -13.14 15.50
N THR A 159 -10.04 -12.24 15.95
CA THR A 159 -9.30 -11.37 15.06
C THR A 159 -8.42 -12.18 14.13
N LYS A 160 -7.69 -13.16 14.67
CA LYS A 160 -6.85 -14.02 13.85
C LYS A 160 -7.68 -14.76 12.78
N ALA A 161 -8.84 -15.28 13.18
CA ALA A 161 -9.69 -16.02 12.24
C ALA A 161 -10.23 -15.09 11.15
N LEU A 162 -10.49 -13.84 11.50
CA LEU A 162 -10.91 -12.85 10.51
C LEU A 162 -9.79 -12.56 9.51
N ILE A 163 -8.58 -12.32 10.02
N ILE A 163 -8.58 -12.34 10.00
CA ILE A 163 -7.42 -12.16 9.14
CA ILE A 163 -7.45 -12.15 9.10
C ILE A 163 -7.24 -13.38 8.22
C ILE A 163 -7.23 -13.39 8.20
N ASP A 164 -7.38 -14.58 8.77
N ASP A 164 -7.37 -14.58 8.77
CA ASP A 164 -7.28 -15.79 7.98
CA ASP A 164 -7.29 -15.82 8.03
C ASP A 164 -8.35 -15.82 6.87
C ASP A 164 -8.35 -15.86 6.90
N LYS A 165 -9.57 -15.43 7.21
CA LYS A 165 -10.65 -15.40 6.20
C LYS A 165 -10.29 -14.48 5.04
N TYR A 166 -9.80 -13.29 5.35
CA TYR A 166 -9.38 -12.38 4.29
C TYR A 166 -8.19 -12.93 3.50
N ALA A 167 -7.18 -13.42 4.21
CA ALA A 167 -5.98 -13.95 3.52
C ALA A 167 -6.34 -15.08 2.57
N ALA A 168 -7.30 -15.91 2.94
CA ALA A 168 -7.75 -17.00 2.08
C ALA A 168 -8.35 -16.45 0.78
N TYR A 169 -9.09 -15.35 0.88
CA TYR A 169 -9.62 -14.71 -0.31
C TYR A 169 -8.53 -14.14 -1.22
N PHE A 170 -7.56 -13.45 -0.62
CA PHE A 170 -6.50 -12.79 -1.38
C PHE A 170 -5.46 -13.76 -1.93
N ALA A 171 -5.45 -15.01 -1.44
CA ALA A 171 -4.51 -16.01 -1.91
C ALA A 171 -4.61 -16.13 -3.43
N LYS A 172 -3.46 -16.25 -4.08
N LYS A 172 -3.46 -16.25 -4.09
CA LYS A 172 -3.36 -16.45 -5.55
CA LYS A 172 -3.35 -16.44 -5.55
C LYS A 172 -3.76 -15.26 -6.43
C LYS A 172 -3.72 -15.25 -6.42
N LYS A 173 -4.37 -14.23 -5.87
CA LYS A 173 -4.70 -13.06 -6.68
C LYS A 173 -3.88 -11.83 -6.28
N THR A 174 -3.06 -11.96 -5.24
CA THR A 174 -2.18 -10.95 -4.73
C THR A 174 -0.89 -11.66 -4.26
N GLU A 175 0.12 -10.86 -3.91
CA GLU A 175 1.43 -11.38 -3.48
C GLU A 175 1.76 -11.09 -2.01
N ILE A 176 1.32 -9.94 -1.51
CA ILE A 176 1.70 -9.42 -0.20
C ILE A 176 0.42 -9.05 0.52
N PHE A 177 0.39 -9.34 1.83
CA PHE A 177 -0.72 -8.96 2.69
C PHE A 177 -0.14 -8.19 3.89
N ASN A 178 -0.56 -6.95 4.06
CA ASN A 178 -0.08 -6.09 5.14
C ASN A 178 -0.96 -6.32 6.37
N ILE A 179 -0.34 -6.87 7.42
CA ILE A 179 -1.02 -7.10 8.71
C ILE A 179 -0.92 -5.86 9.60
N GLY A 180 -0.18 -4.83 9.19
CA GLY A 180 -0.20 -3.52 9.86
C GLY A 180 0.74 -3.42 11.03
N LEU A 181 0.22 -3.69 12.23
CA LEU A 181 0.99 -3.72 13.47
C LEU A 181 1.45 -2.37 13.97
N ASP A 182 1.06 -1.26 13.37
CA ASP A 182 1.51 0.07 13.83
C ASP A 182 0.77 0.57 15.04
N GLU A 183 1.50 1.34 15.85
CA GLU A 183 0.87 2.31 16.78
C GLU A 183 -0.06 1.67 17.80
N TYR A 184 0.44 0.68 18.52
CA TYR A 184 -0.33 -0.01 19.56
C TYR A 184 -0.90 0.99 20.56
N ALA A 185 -2.24 0.99 20.74
CA ALA A 185 -2.92 1.76 21.78
C ALA A 185 -2.48 3.23 21.81
N ASN A 186 -2.30 3.81 20.62
CA ASN A 186 -1.81 5.18 20.56
C ASN A 186 -2.75 6.18 21.20
N ASP A 187 -4.06 5.92 21.15
CA ASP A 187 -5.00 6.80 21.81
C ASP A 187 -4.90 6.72 23.33
N ALA A 188 -4.93 5.52 23.88
CA ALA A 188 -5.04 5.33 25.32
C ALA A 188 -3.75 5.62 26.05
N THR A 189 -2.62 5.55 25.34
CA THR A 189 -1.31 5.74 25.98
C THR A 189 -0.59 7.03 25.54
N ASP A 190 -1.28 7.89 24.79
CA ASP A 190 -0.70 9.09 24.23
C ASP A 190 0.57 8.77 23.42
N ALA A 191 0.42 7.81 22.52
CA ALA A 191 1.48 7.40 21.60
C ALA A 191 2.72 6.90 22.32
N LYS A 192 2.51 6.10 23.36
N LYS A 192 2.51 6.10 23.35
CA LYS A 192 3.60 5.46 24.11
CA LYS A 192 3.61 5.47 24.09
C LYS A 192 3.37 3.95 24.24
C LYS A 192 3.37 3.96 24.25
N GLY A 193 2.63 3.37 23.31
CA GLY A 193 2.13 2.02 23.53
C GLY A 193 3.16 0.92 23.52
N TRP A 194 4.21 1.06 22.73
CA TRP A 194 5.25 0.04 22.72
C TRP A 194 6.04 0.08 24.02
N SER A 195 6.34 1.29 24.50
N SER A 195 6.34 1.28 24.52
N SER A 195 6.34 1.29 24.49
CA SER A 195 6.96 1.48 25.81
CA SER A 195 7.00 1.42 25.81
CA SER A 195 6.96 1.47 25.80
C SER A 195 6.13 0.82 26.90
C SER A 195 6.12 0.88 26.94
C SER A 195 6.13 0.82 26.90
N VAL A 196 4.81 1.01 26.82
CA VAL A 196 3.90 0.40 27.80
C VAL A 196 3.97 -1.11 27.75
N LEU A 197 3.99 -1.70 26.56
CA LEU A 197 4.02 -3.14 26.45
C LEU A 197 5.33 -3.73 26.95
N GLN A 198 6.42 -2.98 26.82
CA GLN A 198 7.75 -3.40 27.30
C GLN A 198 7.99 -3.13 28.79
N ALA A 199 7.21 -2.24 29.38
CA ALA A 199 7.57 -1.60 30.66
C ALA A 199 7.65 -2.58 31.82
N ASP A 200 6.77 -3.55 31.90
CA ASP A 200 6.73 -4.45 33.08
C ASP A 200 7.99 -5.29 33.22
N LYS A 201 8.64 -5.61 32.11
CA LYS A 201 9.91 -6.35 32.20
C LYS A 201 10.94 -5.57 33.01
N TYR A 202 10.96 -4.25 32.85
CA TYR A 202 12.00 -3.38 33.42
C TYR A 202 11.55 -2.59 34.66
N TYR A 203 10.24 -2.47 34.82
CA TYR A 203 9.60 -1.70 35.87
C TYR A 203 8.48 -2.55 36.46
N PRO A 204 8.84 -3.69 37.08
CA PRO A 204 7.82 -4.56 37.62
C PRO A 204 7.08 -3.96 38.82
N ASN A 205 5.92 -4.53 39.09
CA ASN A 205 5.11 -4.16 40.25
C ASN A 205 4.62 -2.73 40.18
N GLU A 206 4.44 -2.20 38.96
CA GLU A 206 3.94 -0.85 38.76
C GLU A 206 2.61 -0.83 37.99
N GLY A 207 2.04 -2.01 37.72
CA GLY A 207 0.74 -2.10 37.03
C GLY A 207 0.82 -2.11 35.50
N TYR A 208 2.02 -2.22 34.92
CA TYR A 208 2.16 -2.29 33.46
C TYR A 208 1.75 -3.69 32.98
N PRO A 209 1.34 -3.83 31.69
CA PRO A 209 0.83 -5.13 31.23
C PRO A 209 1.87 -6.25 31.24
N VAL A 210 1.61 -7.30 32.00
CA VAL A 210 2.54 -8.39 32.15
C VAL A 210 2.69 -9.16 30.84
N LYS A 211 3.94 -9.34 30.43
CA LYS A 211 4.32 -9.99 29.18
C LYS A 211 3.72 -9.30 27.96
N GLY A 212 3.46 -8.00 28.06
CA GLY A 212 2.78 -7.28 26.99
C GLY A 212 3.47 -7.41 25.64
N TYR A 213 4.75 -7.05 25.60
CA TYR A 213 5.46 -7.04 24.33
C TYR A 213 5.77 -8.45 23.85
N GLU A 214 6.07 -9.37 24.77
CA GLU A 214 6.24 -10.77 24.42
C GLU A 214 4.98 -11.32 23.71
N LYS A 215 3.81 -10.97 24.23
CA LYS A 215 2.56 -11.44 23.63
C LYS A 215 2.37 -10.79 22.25
N PHE A 216 2.79 -9.55 22.10
CA PHE A 216 2.71 -8.89 20.79
C PHE A 216 3.57 -9.60 19.76
N ILE A 217 4.80 -9.97 20.15
CA ILE A 217 5.66 -10.70 19.21
C ILE A 217 4.99 -12.00 18.78
N ALA A 218 4.42 -12.72 19.75
CA ALA A 218 3.75 -13.97 19.44
C ALA A 218 2.57 -13.73 18.49
N TYR A 219 1.82 -12.65 18.72
CA TYR A 219 0.67 -12.31 17.89
C TYR A 219 1.13 -12.00 16.46
N ALA A 220 2.13 -11.15 16.33
CA ALA A 220 2.67 -10.80 15.00
C ALA A 220 3.15 -12.04 14.25
N ASN A 221 3.86 -12.92 14.96
CA ASN A 221 4.34 -14.15 14.37
C ASN A 221 3.24 -15.12 13.97
N ASP A 222 2.17 -15.17 14.75
N ASP A 222 2.18 -15.18 14.77
CA ASP A 222 1.05 -16.03 14.39
CA ASP A 222 1.03 -16.00 14.42
C ASP A 222 0.30 -15.49 13.18
C ASP A 222 0.34 -15.49 13.16
N LEU A 223 0.14 -14.17 13.07
CA LEU A 223 -0.42 -13.59 11.85
C LEU A 223 0.48 -13.85 10.65
N ALA A 224 1.79 -13.74 10.83
CA ALA A 224 2.73 -14.05 9.76
C ALA A 224 2.55 -15.50 9.28
N ARG A 225 2.39 -16.42 10.23
CA ARG A 225 2.20 -17.83 9.92
C ARG A 225 0.93 -18.02 9.12
N ILE A 226 -0.15 -17.39 9.57
CA ILE A 226 -1.43 -17.45 8.87
C ILE A 226 -1.31 -16.95 7.43
N VAL A 227 -0.71 -15.79 7.25
CA VAL A 227 -0.56 -15.21 5.94
C VAL A 227 0.30 -16.10 5.03
N LYS A 228 1.43 -16.57 5.55
N LYS A 228 1.42 -16.57 5.55
CA LYS A 228 2.32 -17.45 4.80
CA LYS A 228 2.32 -17.43 4.81
C LYS A 228 1.65 -18.74 4.38
C LYS A 228 1.65 -18.74 4.39
N SER A 229 0.73 -19.25 5.20
N SER A 229 0.74 -19.25 5.21
CA SER A 229 0.07 -20.50 4.86
CA SER A 229 0.05 -20.49 4.85
C SER A 229 -0.72 -20.38 3.56
C SER A 229 -0.71 -20.37 3.55
N HIS A 230 -1.17 -19.15 3.27
CA HIS A 230 -1.90 -18.85 2.02
C HIS A 230 -1.02 -18.42 0.88
N GLY A 231 0.30 -18.61 1.01
CA GLY A 231 1.25 -18.30 -0.05
C GLY A 231 1.50 -16.82 -0.22
N LEU A 232 1.08 -16.02 0.73
CA LEU A 232 1.25 -14.56 0.69
C LEU A 232 2.44 -14.17 1.55
N LYS A 233 3.11 -13.08 1.18
CA LYS A 233 4.19 -12.53 2.00
C LYS A 233 3.58 -11.54 2.96
N PRO A 234 3.80 -11.73 4.27
CA PRO A 234 3.29 -10.76 5.22
C PRO A 234 4.15 -9.51 5.22
N MET A 235 3.52 -8.38 5.42
CA MET A 235 4.17 -7.08 5.57
C MET A 235 3.61 -6.40 6.81
N ALA A 236 4.42 -5.56 7.44
CA ALA A 236 4.00 -4.80 8.61
C ALA A 236 4.77 -3.50 8.69
N PHE A 237 4.13 -2.51 9.28
CA PHE A 237 4.76 -1.22 9.56
C PHE A 237 5.83 -1.40 10.65
N ASN A 238 6.85 -0.56 10.61
CA ASN A 238 8.08 -0.82 11.39
C ASN A 238 8.05 -0.51 12.88
N ASP A 239 7.17 0.40 13.31
CA ASP A 239 7.42 1.06 14.61
C ASP A 239 7.44 0.12 15.81
N GLY A 240 6.62 -0.93 15.79
CA GLY A 240 6.60 -1.93 16.85
C GLY A 240 7.57 -3.08 16.74
N ILE A 241 8.37 -3.10 15.68
N ILE A 241 8.37 -3.10 15.67
CA ILE A 241 9.24 -4.24 15.40
CA ILE A 241 9.25 -4.23 15.39
C ILE A 241 10.61 -3.96 16.04
C ILE A 241 10.60 -3.95 16.04
N TYR A 242 10.94 -4.72 17.06
CA TYR A 242 12.13 -4.45 17.89
C TYR A 242 12.12 -2.99 18.38
N TYR A 243 10.98 -2.56 18.93
CA TYR A 243 10.87 -1.23 19.50
C TYR A 243 11.97 -1.03 20.55
N ASN A 244 12.52 0.17 20.56
CA ASN A 244 13.67 0.52 21.42
C ASN A 244 14.90 -0.35 21.15
N SER A 245 14.98 -0.90 19.94
CA SER A 245 16.05 -1.82 19.51
C SER A 245 16.18 -3.02 20.43
N ASP A 246 15.09 -3.36 21.12
CA ASP A 246 15.12 -4.40 22.15
C ASP A 246 14.83 -5.76 21.55
N THR A 247 15.85 -6.61 21.51
CA THR A 247 15.76 -7.95 20.96
C THR A 247 15.55 -9.02 22.03
N SER A 248 15.42 -8.58 23.29
CA SER A 248 15.40 -9.48 24.43
C SER A 248 14.06 -10.13 24.76
N PHE A 249 13.00 -9.69 24.08
CA PHE A 249 11.66 -10.23 24.33
C PHE A 249 11.30 -11.40 23.44
N GLY A 250 12.07 -11.59 22.39
CA GLY A 250 11.78 -12.58 21.36
C GLY A 250 12.17 -12.06 20.00
N SER A 251 11.91 -12.87 18.98
CA SER A 251 12.28 -12.54 17.61
C SER A 251 11.04 -12.54 16.72
N PHE A 252 11.03 -11.59 15.81
CA PHE A 252 10.01 -11.50 14.76
C PHE A 252 10.34 -12.39 13.58
N ASP A 253 9.31 -12.95 12.98
CA ASP A 253 9.43 -13.76 11.77
C ASP A 253 10.11 -12.96 10.66
N LYS A 254 11.24 -13.48 10.15
CA LYS A 254 12.03 -12.82 9.13
C LYS A 254 11.30 -12.62 7.82
N ASP A 255 10.27 -13.44 7.59
CA ASP A 255 9.49 -13.34 6.37
C ASP A 255 8.52 -12.15 6.37
N ILE A 256 8.43 -11.42 7.49
CA ILE A 256 7.68 -10.17 7.51
C ILE A 256 8.49 -9.10 6.77
N ILE A 257 7.98 -8.61 5.67
CA ILE A 257 8.51 -7.43 5.00
C ILE A 257 8.19 -6.23 5.86
N VAL A 258 9.14 -5.35 6.08
CA VAL A 258 8.94 -4.16 6.86
C VAL A 258 8.62 -2.97 5.97
N SER A 259 7.45 -2.36 6.17
CA SER A 259 7.11 -1.05 5.60
C SER A 259 7.69 -0.02 6.57
N MET A 260 8.80 0.56 6.18
CA MET A 260 9.54 1.49 7.03
C MET A 260 9.02 2.91 6.77
N TRP A 261 8.15 3.36 7.66
CA TRP A 261 7.46 4.64 7.53
C TRP A 261 7.98 5.72 8.44
N THR A 262 8.54 5.34 9.59
CA THR A 262 8.98 6.32 10.56
C THR A 262 10.37 6.03 11.08
N GLY A 263 11.13 7.10 11.31
CA GLY A 263 12.33 7.02 12.13
C GLY A 263 12.13 7.30 13.58
N GLY A 264 10.87 7.42 14.00
CA GLY A 264 10.54 7.69 15.39
C GLY A 264 10.58 9.17 15.68
N TRP A 265 10.42 9.48 16.95
CA TRP A 265 10.38 10.87 17.40
C TRP A 265 10.74 10.91 18.88
N GLY A 266 10.65 12.09 19.49
CA GLY A 266 11.07 12.25 20.87
C GLY A 266 10.30 11.34 21.81
N GLY A 267 11.02 10.44 22.46
CA GLY A 267 10.44 9.47 23.36
C GLY A 267 9.76 8.28 22.68
N TYR A 268 9.92 8.17 21.36
CA TYR A 268 9.34 7.07 20.58
C TYR A 268 10.48 6.51 19.73
N ASP A 269 11.21 5.59 20.34
CA ASP A 269 12.52 5.16 19.87
C ASP A 269 12.40 3.85 19.12
N VAL A 270 12.37 3.94 17.81
CA VAL A 270 12.14 2.75 16.99
C VAL A 270 13.48 2.13 16.59
N ALA A 271 13.43 0.85 16.23
CA ALA A 271 14.61 0.18 15.67
C ALA A 271 15.04 0.89 14.40
N SER A 272 16.34 0.98 14.17
CA SER A 272 16.85 1.51 12.91
C SER A 272 16.52 0.55 11.77
N SER A 273 16.47 1.07 10.55
CA SER A 273 16.38 0.20 9.38
C SER A 273 17.63 -0.67 9.24
N LYS A 274 18.76 -0.20 9.77
N LYS A 274 18.77 -0.19 9.77
CA LYS A 274 19.98 -1.01 9.81
CA LYS A 274 19.98 -1.00 9.77
C LYS A 274 19.76 -2.28 10.62
C LYS A 274 19.77 -2.27 10.59
N LEU A 275 19.21 -2.13 11.82
N LEU A 275 19.22 -2.13 11.79
CA LEU A 275 18.93 -3.27 12.68
CA LEU A 275 18.96 -3.28 12.64
C LEU A 275 17.97 -4.23 12.00
C LEU A 275 17.97 -4.24 11.99
N LEU A 276 16.88 -3.69 11.43
CA LEU A 276 15.89 -4.55 10.81
C LEU A 276 16.45 -5.35 9.62
N ALA A 277 17.26 -4.69 8.79
CA ALA A 277 17.94 -5.38 7.70
C ALA A 277 18.89 -6.47 8.23
N GLU A 278 19.65 -6.13 9.26
CA GLU A 278 20.58 -7.12 9.83
C GLU A 278 19.89 -8.30 10.49
N LYS A 279 18.64 -8.11 10.94
CA LYS A 279 17.85 -9.20 11.49
C LYS A 279 17.24 -10.11 10.39
N GLY A 280 17.36 -9.71 9.13
CA GLY A 280 16.92 -10.52 8.00
C GLY A 280 15.65 -10.07 7.32
N HIS A 281 15.17 -8.85 7.59
CA HIS A 281 13.93 -8.35 6.97
C HIS A 281 14.21 -7.56 5.72
N GLN A 282 13.43 -7.82 4.68
CA GLN A 282 13.34 -6.97 3.51
C GLN A 282 12.54 -5.73 3.88
N ILE A 283 12.86 -4.61 3.23
CA ILE A 283 12.29 -3.31 3.56
C ILE A 283 11.66 -2.62 2.36
N LEU A 284 10.41 -2.20 2.52
CA LEU A 284 9.70 -1.32 1.59
C LEU A 284 9.78 0.08 2.16
N ASN A 285 10.44 0.98 1.45
CA ASN A 285 10.63 2.34 1.95
C ASN A 285 9.29 3.08 1.85
N THR A 286 8.70 3.38 2.99
CA THR A 286 7.39 4.03 3.09
C THR A 286 7.52 5.38 3.82
N ASN A 287 8.63 6.06 3.54
CA ASN A 287 9.02 7.26 4.26
C ASN A 287 7.85 8.23 4.41
N ASP A 288 7.58 8.60 5.67
CA ASP A 288 6.50 9.56 5.94
C ASP A 288 6.84 10.98 5.47
N ALA A 289 8.04 11.18 4.92
CA ALA A 289 8.34 12.42 4.24
C ALA A 289 7.29 12.70 3.16
N TRP A 290 6.76 11.62 2.57
CA TRP A 290 5.91 11.72 1.38
C TRP A 290 4.42 11.66 1.68
N TYR A 291 4.05 11.56 2.96
CA TYR A 291 2.65 11.41 3.36
C TYR A 291 1.79 12.60 3.00
N TYR A 292 0.52 12.31 2.70
CA TYR A 292 -0.52 13.31 2.48
C TYR A 292 -1.79 12.85 3.20
N VAL A 293 -2.30 13.68 4.09
CA VAL A 293 -3.58 13.47 4.73
C VAL A 293 -4.64 14.31 4.01
N LEU A 294 -5.66 13.62 3.48
CA LEU A 294 -6.69 14.27 2.69
C LEU A 294 -7.29 15.46 3.44
N GLY A 295 -7.50 16.56 2.72
CA GLY A 295 -8.05 17.77 3.29
C GLY A 295 -7.05 18.74 3.87
N ARG A 296 -5.84 18.25 4.16
CA ARG A 296 -4.74 19.11 4.61
C ARG A 296 -4.00 19.45 3.32
N ASN A 297 -4.45 20.53 2.68
CA ASN A 297 -4.20 20.70 1.27
C ASN A 297 -3.17 21.77 0.92
N ALA A 298 -2.59 22.42 1.92
CA ALA A 298 -1.62 23.48 1.68
C ALA A 298 -0.84 23.73 2.95
N ASP A 299 0.26 24.49 2.83
CA ASP A 299 1.08 24.85 3.98
C ASP A 299 0.24 25.44 5.10
N GLY A 300 0.54 25.07 6.35
CA GLY A 300 -0.21 25.55 7.48
C GLY A 300 -1.43 24.73 7.85
N GLN A 301 -1.89 23.84 6.96
CA GLN A 301 -3.14 23.09 7.22
C GLN A 301 -2.94 21.83 8.04
N GLY A 302 -1.74 21.63 8.54
CA GLY A 302 -1.47 20.56 9.49
C GLY A 302 -0.41 19.58 9.05
N TRP A 303 -0.16 18.58 9.89
CA TRP A 303 0.92 17.66 9.61
C TRP A 303 0.53 16.76 8.45
N TYR A 304 1.50 16.47 7.61
CA TYR A 304 1.28 15.70 6.39
C TYR A 304 0.34 16.45 5.43
N ASN A 305 0.43 17.78 5.38
CA ASN A 305 -0.31 18.52 4.38
C ASN A 305 0.33 18.32 3.00
N LEU A 306 -0.44 18.61 1.95
CA LEU A 306 0.03 18.34 0.61
C LEU A 306 1.32 19.05 0.25
N ASP A 307 1.46 20.31 0.68
CA ASP A 307 2.70 21.03 0.38
C ASP A 307 3.91 20.42 1.10
N GLN A 308 3.71 19.98 2.33
CA GLN A 308 4.74 19.27 3.07
C GLN A 308 5.12 17.96 2.37
N GLY A 309 4.14 17.20 1.91
CA GLY A 309 4.43 15.97 1.20
C GLY A 309 5.15 16.20 -0.11
N LEU A 310 4.72 17.23 -0.87
CA LEU A 310 5.41 17.57 -2.09
C LEU A 310 6.86 17.99 -1.80
N ASN A 311 7.08 18.72 -0.72
CA ASN A 311 8.45 19.05 -0.29
C ASN A 311 9.24 17.81 0.06
N GLY A 312 8.62 16.88 0.79
CA GLY A 312 9.28 15.65 1.12
C GLY A 312 9.69 14.85 -0.09
N ILE A 313 8.83 14.81 -1.08
CA ILE A 313 9.14 14.13 -2.32
C ILE A 313 10.32 14.79 -3.04
N LYS A 314 10.34 16.12 -3.01
CA LYS A 314 11.41 16.85 -3.67
C LYS A 314 12.75 16.63 -2.99
N ASN A 315 12.74 16.46 -1.68
CA ASN A 315 13.97 16.47 -0.86
C ASN A 315 14.44 15.14 -0.32
N THR A 316 13.59 14.11 -0.38
CA THR A 316 13.88 12.79 0.15
C THR A 316 13.65 11.77 -0.96
N PRO A 317 14.72 11.31 -1.62
CA PRO A 317 14.55 10.36 -2.71
C PRO A 317 14.06 8.99 -2.26
N ILE A 318 13.59 8.21 -3.23
CA ILE A 318 13.04 6.89 -2.98
C ILE A 318 14.03 5.95 -2.28
N THR A 319 15.32 6.23 -2.40
CA THR A 319 16.34 5.44 -1.77
C THR A 319 16.66 5.83 -0.33
N SER A 320 16.08 6.93 0.16
N SER A 320 16.08 6.93 0.16
CA SER A 320 16.37 7.44 1.50
CA SER A 320 16.37 7.42 1.50
C SER A 320 15.36 6.84 2.50
C SER A 320 15.36 6.84 2.49
N VAL A 321 15.83 5.85 3.25
CA VAL A 321 15.01 5.08 4.20
C VAL A 321 15.10 5.75 5.56
N PRO A 322 14.01 5.71 6.35
CA PRO A 322 14.15 6.25 7.70
C PRO A 322 15.18 5.52 8.54
N LYS A 323 15.86 6.31 9.38
CA LYS A 323 16.76 5.85 10.44
C LYS A 323 17.75 4.77 10.02
N THR A 324 18.64 5.14 9.11
CA THR A 324 19.63 4.20 8.59
C THR A 324 20.90 4.02 9.45
N GLU A 325 21.10 4.87 10.45
N GLU A 325 21.09 4.91 10.42
CA GLU A 325 22.37 4.91 11.20
CA GLU A 325 22.34 5.03 11.18
C GLU A 325 23.58 5.13 10.26
C GLU A 325 23.55 5.11 10.26
N GLY A 326 23.35 5.70 9.09
CA GLY A 326 24.42 5.89 8.12
C GLY A 326 24.75 4.68 7.27
N ALA A 327 24.03 3.57 7.45
CA ALA A 327 24.27 2.36 6.69
C ALA A 327 23.59 2.42 5.33
N ASP A 328 24.05 1.58 4.42
N ASP A 328 24.04 1.56 4.44
CA ASP A 328 23.43 1.42 3.11
CA ASP A 328 23.46 1.39 3.12
C ASP A 328 22.32 0.39 3.24
C ASP A 328 22.31 0.38 3.26
N ILE A 329 21.08 0.88 3.18
CA ILE A 329 19.91 0.03 3.36
C ILE A 329 19.29 -0.34 2.02
N PRO A 330 19.33 -1.62 1.66
CA PRO A 330 18.66 -1.99 0.41
C PRO A 330 17.15 -1.90 0.56
N ILE A 331 16.45 -1.71 -0.55
CA ILE A 331 15.00 -1.61 -0.54
C ILE A 331 14.39 -2.52 -1.59
N ILE A 332 13.15 -2.93 -1.36
CA ILE A 332 12.40 -3.63 -2.39
C ILE A 332 11.64 -2.67 -3.27
N GLY A 333 11.57 -1.42 -2.88
CA GLY A 333 10.76 -0.42 -3.52
C GLY A 333 10.42 0.70 -2.58
N GLY A 334 9.56 1.59 -3.06
CA GLY A 334 9.11 2.76 -2.34
C GLY A 334 7.62 2.93 -2.45
N MET A 335 7.01 3.49 -1.41
CA MET A 335 5.55 3.64 -1.34
C MET A 335 5.19 5.01 -0.82
N VAL A 336 4.44 5.77 -1.62
CA VAL A 336 3.91 7.08 -1.27
C VAL A 336 2.48 6.87 -0.76
N ALA A 337 2.14 7.44 0.39
CA ALA A 337 0.91 7.12 1.09
C ALA A 337 0.01 8.30 1.33
N ALA A 338 -1.26 8.12 0.96
CA ALA A 338 -2.36 9.06 1.22
C ALA A 338 -3.30 8.48 2.25
N TRP A 339 -3.65 9.30 3.23
CA TRP A 339 -4.36 8.87 4.42
C TRP A 339 -5.60 9.70 4.64
N ALA A 340 -6.56 9.14 5.40
CA ALA A 340 -7.87 9.79 5.60
C ALA A 340 -8.17 9.95 7.08
N ASP A 341 -7.18 10.41 7.84
CA ASP A 341 -7.29 10.62 9.28
C ASP A 341 -8.56 11.38 9.65
N THR A 342 -8.96 12.36 8.83
CA THR A 342 -10.27 13.02 8.99
C THR A 342 -11.12 12.55 7.81
N PRO A 343 -11.87 11.47 7.99
CA PRO A 343 -12.42 10.83 6.81
C PRO A 343 -13.56 11.58 6.16
N SER A 344 -14.11 12.56 6.87
CA SER A 344 -15.09 13.43 6.26
C SER A 344 -14.50 14.45 5.30
N ALA A 345 -13.16 14.53 5.25
CA ALA A 345 -12.50 15.41 4.29
C ALA A 345 -12.90 15.01 2.87
N ARG A 346 -12.96 15.99 1.98
CA ARG A 346 -13.25 15.71 0.59
C ARG A 346 -12.03 15.09 -0.08
N TYR A 347 -12.22 13.94 -0.70
CA TYR A 347 -11.19 13.36 -1.54
C TYR A 347 -11.08 14.17 -2.84
N SER A 348 -9.88 14.65 -3.13
CA SER A 348 -9.56 15.39 -4.34
C SER A 348 -8.64 14.57 -5.23
N PRO A 349 -9.19 13.97 -6.30
CA PRO A 349 -8.35 13.21 -7.19
C PRO A 349 -7.16 14.00 -7.73
N SER A 350 -7.37 15.25 -8.12
CA SER A 350 -6.26 16.02 -8.70
C SER A 350 -5.10 16.20 -7.74
N ARG A 351 -5.40 16.38 -6.46
CA ARG A 351 -4.34 16.54 -5.47
C ARG A 351 -3.58 15.24 -5.24
N LEU A 352 -4.30 14.12 -5.15
CA LEU A 352 -3.65 12.82 -5.06
C LEU A 352 -2.79 12.57 -6.29
N PHE A 353 -3.31 12.87 -7.48
CA PHE A 353 -2.54 12.61 -8.70
C PHE A 353 -1.29 13.49 -8.79
N LYS A 354 -1.37 14.71 -8.27
N LYS A 354 -1.38 14.70 -8.27
CA LYS A 354 -0.20 15.60 -8.22
CA LYS A 354 -0.21 15.59 -8.21
C LYS A 354 0.86 14.97 -7.33
C LYS A 354 0.86 14.97 -7.33
N LEU A 355 0.47 14.47 -6.16
CA LEU A 355 1.39 13.77 -5.26
C LEU A 355 2.05 12.58 -5.97
N MET A 356 1.22 11.75 -6.62
CA MET A 356 1.71 10.60 -7.34
C MET A 356 2.67 10.97 -8.46
N ARG A 357 2.33 12.03 -9.20
CA ARG A 357 3.12 12.46 -10.35
C ARG A 357 4.45 13.01 -9.86
N HIS A 358 4.43 13.77 -8.79
CA HIS A 358 5.67 14.32 -8.24
C HIS A 358 6.60 13.23 -7.75
N PHE A 359 6.07 12.18 -7.12
CA PHE A 359 6.90 11.06 -6.65
C PHE A 359 7.57 10.35 -7.81
N ALA A 360 6.80 10.13 -8.87
CA ALA A 360 7.31 9.54 -10.09
C ALA A 360 8.37 10.41 -10.75
N ASN A 361 8.11 11.72 -10.85
CA ASN A 361 9.08 12.62 -11.52
C ASN A 361 10.37 12.79 -10.72
N ALA A 362 10.27 12.83 -9.39
CA ALA A 362 11.44 13.01 -8.55
C ALA A 362 12.36 11.82 -8.55
N ASN A 363 11.84 10.66 -8.91
CA ASN A 363 12.59 9.41 -8.95
C ASN A 363 12.43 8.73 -10.29
N ALA A 364 12.56 9.52 -11.36
CA ALA A 364 12.10 9.12 -12.70
C ALA A 364 12.80 7.89 -13.24
N GLU A 365 14.06 7.65 -12.84
N GLU A 365 14.04 7.69 -12.81
CA GLU A 365 14.77 6.45 -13.31
CA GLU A 365 14.82 6.54 -13.21
C GLU A 365 14.19 5.15 -12.75
C GLU A 365 14.26 5.19 -12.70
N TYR A 366 13.40 5.25 -11.68
CA TYR A 366 12.79 4.08 -11.05
C TYR A 366 11.44 3.73 -11.66
N PHE A 367 10.79 4.70 -12.28
CA PHE A 367 9.41 4.54 -12.75
C PHE A 367 9.38 4.18 -14.22
N ALA A 368 8.46 3.29 -14.59
CA ALA A 368 8.35 2.87 -15.99
C ALA A 368 7.89 4.00 -16.88
N ALA A 369 8.39 4.04 -18.11
CA ALA A 369 7.90 4.97 -19.10
C ALA A 369 6.48 4.58 -19.53
N ASP A 370 5.86 5.48 -20.26
CA ASP A 370 4.49 5.30 -20.78
C ASP A 370 4.57 5.01 -22.27
N TYR A 371 4.12 3.82 -22.65
CA TYR A 371 4.10 3.39 -24.04
C TYR A 371 2.72 3.40 -24.66
N GLU A 372 1.69 3.80 -23.92
N GLU A 372 1.69 3.81 -23.89
CA GLU A 372 0.34 3.67 -24.45
CA GLU A 372 0.28 3.79 -24.34
C GLU A 372 0.05 4.60 -25.63
C GLU A 372 0.08 4.60 -25.61
N SER A 373 0.61 5.81 -25.63
CA SER A 373 0.45 6.68 -26.79
C SER A 373 1.24 6.19 -27.99
N ALA A 374 2.35 5.50 -27.75
CA ALA A 374 3.10 4.89 -28.84
C ALA A 374 2.30 3.76 -29.49
N GLU A 375 1.69 2.93 -28.66
N GLU A 375 1.69 2.93 -28.65
CA GLU A 375 0.85 1.85 -29.19
CA GLU A 375 0.81 1.85 -29.12
C GLU A 375 -0.36 2.42 -29.93
C GLU A 375 -0.36 2.42 -29.91
N GLN A 376 -0.97 3.46 -29.40
CA GLN A 376 -2.08 4.10 -30.10
C GLN A 376 -1.64 4.69 -31.44
N ALA A 377 -0.49 5.34 -31.46
CA ALA A 377 0.04 5.92 -32.68
C ALA A 377 0.20 4.83 -33.74
N LEU A 378 0.77 3.69 -33.37
CA LEU A 378 0.92 2.59 -34.28
C LEU A 378 -0.44 2.12 -34.84
N ASN A 379 -1.44 2.06 -33.96
CA ASN A 379 -2.79 1.64 -34.38
C ASN A 379 -3.43 2.61 -35.38
N GLU A 380 -2.97 3.86 -35.38
CA GLU A 380 -3.51 4.90 -36.23
C GLU A 380 -2.82 5.05 -37.58
N VAL A 381 -1.80 4.26 -37.83
CA VAL A 381 -1.11 4.29 -39.11
C VAL A 381 -2.01 3.65 -40.17
N PRO A 382 -2.11 4.26 -41.36
CA PRO A 382 -2.88 3.61 -42.41
C PRO A 382 -2.31 2.24 -42.70
N LYS A 383 -3.17 1.23 -42.79
N LYS A 383 -3.17 1.23 -42.78
CA LYS A 383 -2.71 -0.14 -42.93
CA LYS A 383 -2.71 -0.16 -42.93
C LYS A 383 -2.10 -0.43 -44.30
C LYS A 383 -2.10 -0.43 -44.30
N ASP A 384 -2.70 0.15 -45.33
CA ASP A 384 -2.35 -0.09 -46.71
C ASP A 384 -1.73 1.15 -47.32
N LEU A 385 -0.49 1.01 -47.77
CA LEU A 385 0.30 2.13 -48.26
C LEU A 385 0.54 2.11 -49.77
N ASN A 386 -0.05 1.14 -50.48
CA ASN A 386 0.22 0.99 -51.91
C ASN A 386 0.02 2.24 -52.75
N ARG A 387 -0.99 3.04 -52.42
N ARG A 387 -0.99 3.03 -52.42
CA ARG A 387 -1.34 4.21 -53.23
CA ARG A 387 -1.34 4.20 -53.24
C ARG A 387 -0.41 5.42 -53.07
C ARG A 387 -0.42 5.41 -53.07
N TYR A 388 0.61 5.29 -52.23
CA TYR A 388 1.54 6.37 -51.95
C TYR A 388 2.90 6.11 -52.59
N THR A 389 3.68 7.16 -52.75
CA THR A 389 4.97 7.06 -53.40
C THR A 389 5.93 6.20 -52.61
N ALA A 390 6.85 5.53 -53.30
CA ALA A 390 7.79 4.65 -52.63
C ALA A 390 8.60 5.38 -51.57
N GLU A 391 9.07 6.58 -51.88
N GLU A 391 9.07 6.59 -51.87
CA GLU A 391 9.88 7.35 -50.92
CA GLU A 391 9.89 7.30 -50.89
C GLU A 391 9.09 7.62 -49.65
C GLU A 391 9.09 7.62 -49.63
N SER A 392 7.85 8.05 -49.79
CA SER A 392 7.04 8.40 -48.62
C SER A 392 6.65 7.16 -47.82
N VAL A 393 6.40 6.04 -48.50
CA VAL A 393 6.13 4.78 -47.84
C VAL A 393 7.32 4.30 -47.03
N THR A 394 8.52 4.34 -47.63
CA THR A 394 9.72 3.91 -46.91
C THR A 394 9.87 4.70 -45.61
N ALA A 395 9.64 6.00 -45.66
CA ALA A 395 9.80 6.81 -44.45
C ALA A 395 8.84 6.37 -43.34
N VAL A 396 7.59 6.09 -43.69
CA VAL A 396 6.65 5.58 -42.68
C VAL A 396 7.10 4.25 -42.11
N LYS A 397 7.51 3.33 -42.98
CA LYS A 397 7.94 2.03 -42.50
C LYS A 397 9.14 2.13 -41.56
N GLU A 398 10.09 3.00 -41.90
CA GLU A 398 11.23 3.25 -41.02
C GLU A 398 10.83 3.87 -39.67
N ALA A 399 9.86 4.78 -39.70
CA ALA A 399 9.42 5.40 -38.46
C ALA A 399 8.65 4.41 -37.57
N GLU A 400 7.84 3.54 -38.17
N GLU A 400 7.87 3.54 -38.18
CA GLU A 400 7.19 2.45 -37.43
CA GLU A 400 7.19 2.47 -37.45
C GLU A 400 8.22 1.52 -36.83
C GLU A 400 8.21 1.50 -36.85
N LYS A 401 9.21 1.12 -37.63
CA LYS A 401 10.28 0.24 -37.15
C LYS A 401 10.99 0.87 -35.95
N ALA A 402 11.21 2.17 -35.99
CA ALA A 402 11.93 2.86 -34.93
C ALA A 402 11.12 2.78 -33.63
N ILE A 403 9.81 2.99 -33.69
CA ILE A 403 8.98 2.80 -32.50
C ILE A 403 9.03 1.39 -31.96
N ARG A 404 8.90 0.41 -32.86
N ARG A 404 8.91 0.42 -32.86
CA ARG A 404 8.87 -0.98 -32.44
CA ARG A 404 8.88 -0.97 -32.45
C ARG A 404 10.26 -1.45 -31.96
C ARG A 404 10.21 -1.44 -31.91
N SER A 405 11.29 -0.69 -32.28
N SER A 405 11.30 -0.76 -32.25
CA SER A 405 12.67 -0.97 -31.83
CA SER A 405 12.63 -1.11 -31.74
C SER A 405 13.07 -0.27 -30.54
C SER A 405 12.98 -0.46 -30.41
N LEU A 406 12.15 0.49 -29.95
CA LEU A 406 12.40 1.13 -28.65
C LEU A 406 12.60 0.04 -27.61
N ASP A 407 13.56 0.26 -26.74
CA ASP A 407 13.73 -0.59 -25.56
C ASP A 407 12.38 -0.64 -24.83
N SER A 408 11.92 -1.83 -24.44
CA SER A 408 10.60 -1.97 -23.81
C SER A 408 10.69 -1.72 -22.31
N ASN A 409 11.90 -1.48 -21.81
CA ASN A 409 12.14 -1.22 -20.38
C ASN A 409 12.76 0.13 -20.13
N LEU A 410 12.20 1.16 -20.76
CA LEU A 410 12.63 2.52 -20.53
C LEU A 410 11.98 3.07 -19.27
N SER A 411 12.67 4.01 -18.64
CA SER A 411 12.12 4.69 -17.47
C SER A 411 11.47 5.99 -17.87
N ARG A 412 10.77 6.57 -16.92
CA ARG A 412 10.14 7.83 -17.08
C ARG A 412 11.16 8.92 -17.46
N ALA A 413 12.41 8.77 -16.98
CA ALA A 413 13.49 9.68 -17.35
C ALA A 413 13.78 9.71 -18.84
N GLN A 414 13.38 8.67 -19.56
N GLN A 414 13.41 8.65 -19.55
CA GLN A 414 13.65 8.55 -20.99
CA GLN A 414 13.65 8.52 -21.00
C GLN A 414 12.39 8.69 -21.83
C GLN A 414 12.40 8.71 -21.84
N GLN A 415 11.34 9.26 -21.26
CA GLN A 415 10.07 9.42 -21.97
C GLN A 415 10.21 10.18 -23.27
N ASP A 416 11.09 11.17 -23.31
N ASP A 416 11.11 11.17 -23.30
CA ASP A 416 11.21 11.96 -24.52
CA ASP A 416 11.35 11.99 -24.49
C ASP A 416 11.71 11.15 -25.72
C ASP A 416 11.70 11.14 -25.70
N THR A 417 12.43 10.05 -25.48
CA THR A 417 12.83 9.14 -26.57
C THR A 417 11.59 8.54 -27.26
N ILE A 418 10.63 8.13 -26.44
CA ILE A 418 9.40 7.60 -26.96
C ILE A 418 8.60 8.66 -27.65
N ASP A 419 8.48 9.84 -27.02
CA ASP A 419 7.67 10.90 -27.57
C ASP A 419 8.20 11.42 -28.90
N GLN A 420 9.53 11.48 -29.02
N GLN A 420 9.52 11.48 -29.03
CA GLN A 420 10.17 11.87 -30.28
CA GLN A 420 10.11 11.91 -30.29
C GLN A 420 9.87 10.87 -31.39
C GLN A 420 9.87 10.87 -31.39
N ALA A 421 9.88 9.58 -31.04
CA ALA A 421 9.59 8.53 -32.01
C ALA A 421 8.13 8.59 -32.52
N ILE A 422 7.22 8.92 -31.62
CA ILE A 422 5.80 9.13 -31.97
C ILE A 422 5.68 10.30 -32.93
N ALA A 423 6.33 11.43 -32.60
CA ALA A 423 6.26 12.61 -33.44
C ALA A 423 6.80 12.34 -34.84
N LYS A 424 7.90 11.59 -34.93
N LYS A 424 7.90 11.59 -34.92
CA LYS A 424 8.48 11.27 -36.21
CA LYS A 424 8.47 11.27 -36.20
C LYS A 424 7.52 10.41 -37.05
C LYS A 424 7.51 10.42 -37.04
N LEU A 425 6.88 9.43 -36.41
CA LEU A 425 5.89 8.61 -37.13
C LEU A 425 4.78 9.48 -37.67
N GLN A 426 4.24 10.35 -36.81
CA GLN A 426 3.14 11.21 -37.23
C GLN A 426 3.54 12.10 -38.40
N GLU A 427 4.76 12.65 -38.36
CA GLU A 427 5.27 13.46 -39.46
C GLU A 427 5.33 12.64 -40.73
N THR A 428 5.88 11.43 -40.66
CA THR A 428 6.00 10.64 -41.88
C THR A 428 4.64 10.28 -42.46
N VAL A 429 3.67 9.98 -41.60
CA VAL A 429 2.32 9.68 -42.09
C VAL A 429 1.73 10.90 -42.77
N ASN A 430 1.90 12.07 -42.15
CA ASN A 430 1.40 13.31 -42.74
C ASN A 430 2.04 13.62 -44.10
N ASN A 431 3.25 13.13 -44.30
CA ASN A 431 4.00 13.37 -45.53
C ASN A 431 3.76 12.29 -46.61
N LEU A 432 2.90 11.32 -46.34
CA LEU A 432 2.52 10.35 -47.37
C LEU A 432 1.94 11.07 -48.56
N THR A 433 2.45 10.76 -49.73
CA THR A 433 2.09 11.46 -50.93
C THR A 433 1.50 10.51 -51.97
N LEU A 434 0.28 10.79 -52.43
CA LEU A 434 -0.38 9.93 -53.39
C LEU A 434 0.39 9.89 -54.69
N THR A 435 0.57 8.70 -55.25
N THR A 435 0.58 8.70 -55.25
CA THR A 435 1.19 8.54 -56.55
CA THR A 435 1.17 8.57 -56.57
C THR A 435 0.36 9.26 -57.62
C THR A 435 0.21 9.09 -57.64
CAH OAN B . 1.81 3.62 9.62
CAG OAN B . 1.17 4.99 9.78
OAN OAN B . 1.39 5.91 9.00
NAI OAN B . 0.31 5.11 10.80
CAB OAN B . -0.47 6.33 11.01
CAC OAN B . -1.59 6.39 9.94
OAJ OAN B . -2.72 5.62 10.39
CAD OAN B . -2.01 7.82 9.72
OAK OAN B . -3.08 7.88 8.80
CAE OAN B . -0.81 8.53 9.08
CAF OAN B . -1.07 9.97 8.75
OAM OAN B . -1.42 10.75 9.91
OAL OAN B . 0.31 8.55 10.07
CAA OAN B . 0.37 7.60 11.03
NAY OAN B . 1.19 7.81 12.02
OAQ OAN B . 1.87 9.01 11.89
CAP OAN B . 2.30 9.58 13.04
OAR OAN B . 1.93 9.16 14.15
NAO OAN B . 3.16 10.56 12.82
CAS OAN B . 3.77 11.41 13.71
CAT OAN B . 4.23 12.62 13.22
CAU OAN B . 4.85 13.58 13.99
CAV OAN B . 5.05 13.31 15.35
CAW OAN B . 4.60 12.10 15.87
CAX OAN B . 3.94 11.17 15.04
C1 EDO C . -1.56 8.74 14.30
O1 EDO C . -2.03 10.04 14.75
C2 EDO C . -2.70 7.95 13.63
O2 EDO C . -3.57 7.37 14.61
C1 EDO D . 7.83 11.75 13.37
O1 EDO D . 8.38 12.73 12.49
C2 EDO D . 6.88 10.82 12.61
O2 EDO D . 7.61 9.93 11.79
C1 EDO E . 17.39 5.38 -24.46
O1 EDO E . 16.90 6.73 -24.43
C2 EDO E . 16.89 4.65 -25.72
O2 EDO E . 17.38 3.30 -25.72
C13 P15 F . 7.82 3.95 36.72
O6 P15 F . 6.50 3.80 37.31
C12 P15 F . 5.79 5.06 37.47
C11 P15 F . 4.28 4.81 37.69
O5 P15 F . 3.47 5.33 36.57
C10 P15 F . 2.31 4.51 36.30
C9 P15 F . 1.29 5.23 35.40
O4 P15 F . 1.89 5.91 34.26
C8 P15 F . 0.91 6.60 33.45
C7 P15 F . 1.61 7.40 32.35
O3 P15 F . 2.30 6.53 31.41
C6 P15 F . 3.22 7.20 30.52
C5 P15 F . 3.79 6.18 29.54
O2 P15 F . 4.64 5.27 30.23
C4 P15 F . 5.35 4.39 29.36
C3 P15 F . 6.04 3.34 30.19
O1 P15 F . 6.88 4.00 31.16
C2 P15 F . 7.66 3.03 31.86
C1 P15 F . 8.54 3.77 32.83
OXT P15 F . 9.58 4.35 32.06
#